data_6CC8
#
_entry.id   6CC8
#
_cell.length_a   71.550
_cell.length_b   36.640
_cell.length_c   130.930
_cell.angle_alpha   90.00
_cell.angle_beta   92.77
_cell.angle_gamma   90.00
#
_symmetry.space_group_name_H-M   'C 1 2 1'
#
loop_
_entity.id
_entity.type
_entity.pdbx_description
1 polymer 'Methyl-CpG-binding domain protein 3'
2 polymer 'methylated CpG DNA'
3 non-polymer 'UNKNOWN ATOM OR ION'
4 water water
#
loop_
_entity_poly.entity_id
_entity_poly.type
_entity_poly.pdbx_seq_one_letter_code
_entity_poly.pdbx_strand_id
1 'polypeptide(L)' GSMERKRWECPALPQGWEREEVPRRSGLSAGHRDVFYYSPSGKKFRSKPQLARYLGGSMDLSTFDFRTGKMLM A,B
2 'polydeoxyribonucleotide' (DG)(DC)(DC)(DA)(DA)(5CM)(DG)(DT)(DT)(DG)(DG)(DC) C,D,E,F
#
loop_
_chem_comp.id
_chem_comp.type
_chem_comp.name
_chem_comp.formula
5CM DNA linking 5-METHYL-2'-DEOXY-CYTIDINE-5'-MONOPHOSPHATE 'C10 H16 N3 O7 P'
DA DNA linking 2'-DEOXYADENOSINE-5'-MONOPHOSPHATE 'C10 H14 N5 O6 P'
DC DNA linking 2'-DEOXYCYTIDINE-5'-MONOPHOSPHATE 'C9 H14 N3 O7 P'
DG DNA linking 2'-DEOXYGUANOSINE-5'-MONOPHOSPHATE 'C10 H14 N5 O7 P'
DT DNA linking THYMIDINE-5'-MONOPHOSPHATE 'C10 H15 N2 O8 P'
UNX non-polymer 'UNKNOWN ATOM OR ION' ?
#
# COMPACT_ATOMS: atom_id res chain seq x y z
N MET A 3 -11.85 1.13 6.74
CA MET A 3 -11.49 0.55 5.41
C MET A 3 -12.59 -0.42 4.89
N GLU A 4 -13.83 0.08 4.80
CA GLU A 4 -14.96 -0.60 4.13
C GLU A 4 -15.58 0.37 3.08
N ARG A 5 -16.05 -0.18 1.97
CA ARG A 5 -16.65 0.62 0.90
C ARG A 5 -18.08 1.01 1.30
N LYS A 6 -18.46 2.25 1.02
CA LYS A 6 -19.78 2.79 1.43
C LYS A 6 -20.40 3.44 0.22
N ARG A 7 -21.68 3.18 -0.03
CA ARG A 7 -22.41 3.84 -1.13
C ARG A 7 -23.86 3.98 -0.78
N TRP A 8 -24.37 5.21 -0.82
CA TRP A 8 -25.80 5.43 -0.73
C TRP A 8 -26.23 6.83 -1.32
N GLU A 9 -27.49 7.21 -1.10
CA GLU A 9 -28.06 8.49 -1.62
C GLU A 9 -27.24 9.71 -1.14
N CYS A 10 -26.92 10.63 -2.06
CA CYS A 10 -26.34 11.92 -1.70
C CYS A 10 -27.47 13.00 -1.75
N PRO A 11 -27.89 13.55 -0.59
CA PRO A 11 -28.99 14.54 -0.54
C PRO A 11 -28.58 15.95 -1.02
N ALA A 12 -27.27 16.23 -1.14
CA ALA A 12 -26.85 17.48 -1.76
C ALA A 12 -27.08 17.48 -3.28
N LEU A 13 -27.37 16.30 -3.87
CA LEU A 13 -27.62 16.16 -5.30
C LEU A 13 -29.10 15.81 -5.60
N PRO A 14 -29.47 15.76 -6.88
CA PRO A 14 -30.92 15.52 -7.14
C PRO A 14 -31.29 14.10 -6.81
N GLN A 15 -32.56 13.82 -6.91
CA GLN A 15 -33.14 12.54 -6.57
C GLN A 15 -32.46 11.40 -7.30
N GLY A 16 -32.11 10.36 -6.55
CA GLY A 16 -31.49 9.13 -7.11
C GLY A 16 -29.98 9.14 -7.38
N TRP A 17 -29.30 10.27 -7.11
CA TRP A 17 -27.86 10.34 -7.26
C TRP A 17 -27.25 9.75 -6.00
N GLU A 18 -26.21 8.98 -6.19
CA GLU A 18 -25.53 8.30 -5.02
C GLU A 18 -24.08 8.67 -4.96
N ARG A 19 -23.53 8.65 -3.73
CA ARG A 19 -22.14 8.90 -3.48
C ARG A 19 -21.51 7.59 -2.93
N GLU A 20 -20.25 7.37 -3.26
CA GLU A 20 -19.51 6.19 -2.81
C GLU A 20 -18.09 6.58 -2.39
N GLU A 21 -17.60 5.91 -1.33
CA GLU A 21 -16.23 6.00 -0.88
C GLU A 21 -15.63 4.63 -1.00
N VAL A 22 -14.45 4.54 -1.62
CA VAL A 22 -13.71 3.29 -1.75
C VAL A 22 -12.28 3.48 -1.15
N PRO A 23 -11.97 2.79 -0.06
CA PRO A 23 -10.57 2.90 0.41
C PRO A 23 -9.64 2.11 -0.50
N ARG A 24 -8.46 2.65 -0.79
CA ARG A 24 -7.44 1.91 -1.55
C ARG A 24 -6.79 0.89 -0.63
N ARG A 25 -6.72 -0.35 -1.10
CA ARG A 25 -6.26 -1.51 -0.24
C ARG A 25 -4.73 -1.72 -0.26
N SER A 26 -4.02 -1.13 -1.22
CA SER A 26 -2.57 -1.34 -1.36
C SER A 26 -1.78 -0.22 -2.08
N GLY A 27 -0.48 -0.37 -2.08
CA GLY A 27 0.44 0.62 -2.61
C GLY A 27 0.70 1.77 -1.69
N LEU A 28 1.43 2.76 -2.21
CA LEU A 28 1.83 3.96 -1.46
CA LEU A 28 1.84 3.98 -1.48
C LEU A 28 0.65 4.78 -0.91
N SER A 29 -0.44 4.81 -1.68
CA SER A 29 -1.62 5.54 -1.35
C SER A 29 -2.65 4.67 -0.60
N ALA A 30 -2.25 3.48 -0.13
CA ALA A 30 -3.17 2.63 0.63
C ALA A 30 -3.79 3.41 1.76
N GLY A 31 -5.07 3.17 2.01
CA GLY A 31 -5.80 3.92 3.06
C GLY A 31 -6.56 5.17 2.54
N HIS A 32 -6.03 5.85 1.51
CA HIS A 32 -6.72 6.99 0.84
C HIS A 32 -8.09 6.57 0.37
N ARG A 33 -9.10 7.47 0.45
CA ARG A 33 -10.48 7.12 0.11
C ARG A 33 -10.80 7.93 -1.13
N ASP A 34 -10.99 7.22 -2.22
CA ASP A 34 -11.50 7.79 -3.45
C ASP A 34 -12.99 7.99 -3.29
N VAL A 35 -13.49 9.02 -3.97
CA VAL A 35 -14.92 9.39 -3.89
C VAL A 35 -15.45 9.38 -5.34
N PHE A 36 -16.59 8.70 -5.53
CA PHE A 36 -17.30 8.61 -6.80
C PHE A 36 -18.77 9.00 -6.61
N TYR A 37 -19.41 9.44 -7.69
CA TYR A 37 -20.85 9.68 -7.73
C TYR A 37 -21.46 8.88 -8.89
N TYR A 38 -22.67 8.40 -8.66
CA TYR A 38 -23.40 7.65 -9.63
C TYR A 38 -24.71 8.38 -9.99
N SER A 39 -25.01 8.55 -11.27
CA SER A 39 -26.31 9.13 -11.69
C SER A 39 -27.45 8.14 -11.46
N PRO A 40 -28.71 8.60 -11.56
CA PRO A 40 -29.83 7.65 -11.57
C PRO A 40 -29.70 6.55 -12.63
N SER A 41 -29.14 6.89 -13.80
CA SER A 41 -28.88 5.93 -14.89
C SER A 41 -27.73 4.98 -14.60
N GLY A 42 -26.99 5.23 -13.52
CA GLY A 42 -25.86 4.40 -13.14
C GLY A 42 -24.51 4.88 -13.66
N LYS A 43 -24.42 6.02 -14.36
CA LYS A 43 -23.07 6.49 -14.83
C LYS A 43 -22.19 6.90 -13.65
N LYS A 44 -20.88 6.57 -13.71
CA LYS A 44 -19.96 6.78 -12.60
C LYS A 44 -19.12 8.03 -12.84
N PHE A 45 -19.03 8.90 -11.84
CA PHE A 45 -18.23 10.14 -11.94
C PHE A 45 -17.13 10.14 -10.92
N ARG A 46 -15.96 10.61 -11.34
CA ARG A 46 -14.84 10.58 -10.43
C ARG A 46 -14.21 11.95 -10.21
N SER A 47 -14.78 13.02 -10.79
CA SER A 47 -14.30 14.40 -10.49
C SER A 47 -15.43 15.41 -10.65
N LYS A 48 -15.26 16.57 -10.05
CA LYS A 48 -16.26 17.59 -10.07
C LYS A 48 -16.46 18.21 -11.44
N PRO A 49 -15.38 18.52 -12.20
CA PRO A 49 -15.62 19.04 -13.56
C PRO A 49 -16.42 18.06 -14.40
N GLN A 50 -16.10 16.79 -14.28
CA GLN A 50 -16.92 15.75 -14.93
C GLN A 50 -18.39 15.77 -14.48
N LEU A 51 -18.61 15.82 -13.16
CA LEU A 51 -19.96 15.96 -12.60
C LEU A 51 -20.71 17.24 -13.08
N ALA A 52 -19.99 18.37 -13.15
CA ALA A 52 -20.58 19.63 -13.46
C ALA A 52 -21.00 19.68 -14.96
N ARG A 53 -20.32 18.92 -15.81
CA ARG A 53 -20.80 18.75 -17.19
C ARG A 53 -22.24 18.15 -17.28
N TYR A 54 -22.62 17.32 -16.31
CA TYR A 54 -23.99 16.71 -16.29
C TYR A 54 -25.02 17.48 -15.48
N LEU A 55 -24.63 17.94 -14.31
CA LEU A 55 -25.57 18.51 -13.37
C LEU A 55 -25.55 20.03 -13.33
N GLY A 56 -24.46 20.63 -13.83
CA GLY A 56 -24.19 22.06 -13.63
C GLY A 56 -25.20 22.99 -14.28
N GLY A 57 -25.78 22.53 -15.38
CA GLY A 57 -26.93 23.23 -15.98
C GLY A 57 -28.12 23.15 -15.03
N SER A 58 -28.49 21.92 -14.63
CA SER A 58 -29.72 21.71 -13.86
C SER A 58 -29.61 21.92 -12.32
N MET A 59 -28.44 22.31 -11.81
CA MET A 59 -28.32 22.89 -10.45
C MET A 59 -27.03 23.67 -10.29
N ASP A 60 -26.99 24.53 -9.26
CA ASP A 60 -25.78 25.26 -8.89
C ASP A 60 -24.75 24.34 -8.18
N LEU A 61 -23.54 24.21 -8.73
CA LEU A 61 -22.46 23.37 -8.12
C LEU A 61 -21.25 24.16 -7.63
N SER A 62 -21.30 25.48 -7.66
CA SER A 62 -20.13 26.30 -7.29
C SER A 62 -19.61 26.05 -5.86
N THR A 63 -20.50 25.77 -4.89
CA THR A 63 -20.10 25.49 -3.51
C THR A 63 -20.24 24.02 -3.11
N PHE A 64 -20.39 23.11 -4.09
CA PHE A 64 -20.52 21.68 -3.79
C PHE A 64 -19.11 21.16 -3.59
N ASP A 65 -18.85 20.59 -2.43
CA ASP A 65 -17.52 20.00 -2.13
C ASP A 65 -17.55 18.55 -2.53
N PHE A 66 -16.91 18.25 -3.67
CA PHE A 66 -16.90 16.92 -4.24
C PHE A 66 -16.42 15.88 -3.21
N ARG A 67 -15.39 16.18 -2.47
CA ARG A 67 -14.82 15.15 -1.54
CA ARG A 67 -14.82 15.19 -1.54
C ARG A 67 -15.83 14.80 -0.43
N THR A 68 -16.46 15.80 0.19
CA THR A 68 -17.43 15.53 1.28
C THR A 68 -18.86 15.24 0.86
N GLY A 69 -19.20 15.63 -0.36
CA GLY A 69 -20.56 15.45 -0.83
C GLY A 69 -21.57 16.44 -0.29
N LYS A 70 -21.12 17.56 0.27
CA LYS A 70 -22.06 18.60 0.82
C LYS A 70 -21.79 19.96 0.29
N MET A 71 -22.84 20.81 0.33
CA MET A 71 -22.69 22.19 -0.05
C MET A 71 -21.98 22.93 1.07
N LEU A 72 -20.95 23.70 0.72
CA LEU A 72 -20.23 24.52 1.72
C LEU A 72 -20.99 25.80 1.99
N MET A 73 -21.57 25.90 3.18
CA MET A 73 -22.23 27.15 3.64
C MET A 73 -21.60 27.61 4.94
N MET B 3 8.09 -6.69 -6.16
CA MET B 3 7.41 -7.64 -7.09
C MET B 3 6.94 -8.90 -6.33
N GLU B 4 7.88 -9.83 -6.07
CA GLU B 4 7.57 -11.16 -5.53
C GLU B 4 8.53 -11.53 -4.36
N ARG B 5 8.03 -12.35 -3.47
CA ARG B 5 8.75 -12.85 -2.28
C ARG B 5 9.70 -14.01 -2.72
N LYS B 6 10.95 -14.02 -2.21
CA LYS B 6 11.98 -14.92 -2.67
C LYS B 6 12.66 -15.47 -1.42
N ARG B 7 12.86 -16.78 -1.34
CA ARG B 7 13.59 -17.38 -0.22
C ARG B 7 14.32 -18.60 -0.66
N TRP B 8 15.63 -18.62 -0.41
CA TRP B 8 16.41 -19.84 -0.60
C TRP B 8 17.80 -19.77 0.10
N GLU B 9 18.59 -20.84 -0.08
CA GLU B 9 19.96 -20.95 0.50
C GLU B 9 20.84 -19.70 0.20
N CYS B 10 21.49 -19.15 1.24
CA CYS B 10 22.51 -18.10 1.12
C CYS B 10 23.93 -18.73 1.21
N PRO B 11 24.68 -18.74 0.10
CA PRO B 11 26.02 -19.37 -0.01
C PRO B 11 27.14 -18.64 0.77
N ALA B 12 26.94 -17.38 1.12
CA ALA B 12 27.91 -16.68 1.99
C ALA B 12 27.80 -17.12 3.48
N LEU B 13 26.74 -17.86 3.83
CA LEU B 13 26.52 -18.37 5.20
C LEU B 13 26.73 -19.87 5.26
N PRO B 14 26.75 -20.45 6.49
CA PRO B 14 27.02 -21.90 6.61
C PRO B 14 25.86 -22.71 6.05
N GLN B 15 26.03 -24.02 5.97
CA GLN B 15 25.05 -24.91 5.27
C GLN B 15 23.67 -24.87 5.93
N GLY B 16 22.61 -24.86 5.11
CA GLY B 16 21.21 -24.70 5.59
C GLY B 16 20.69 -23.30 5.94
N TRP B 17 21.55 -22.26 5.88
CA TRP B 17 21.10 -20.93 6.19
C TRP B 17 20.43 -20.40 4.92
N GLU B 18 19.31 -19.77 5.09
CA GLU B 18 18.52 -19.26 3.89
C GLU B 18 18.31 -17.76 4.02
N ARG B 19 18.12 -17.09 2.86
CA ARG B 19 17.97 -15.66 2.79
C ARG B 19 16.61 -15.41 2.16
N GLU B 20 15.91 -14.42 2.65
CA GLU B 20 14.57 -14.08 2.10
C GLU B 20 14.42 -12.58 1.87
N GLU B 21 13.71 -12.22 0.79
CA GLU B 21 13.36 -10.83 0.53
C GLU B 21 11.85 -10.79 0.49
N VAL B 22 11.24 -9.82 1.19
CA VAL B 22 9.79 -9.59 1.16
C VAL B 22 9.47 -8.14 0.71
N PRO B 23 8.83 -7.97 -0.47
CA PRO B 23 8.40 -6.60 -0.80
C PRO B 23 7.25 -6.13 0.07
N ARG B 24 7.31 -4.87 0.56
CA ARG B 24 6.21 -4.27 1.30
C ARG B 24 5.10 -3.90 0.30
N ARG B 25 3.88 -4.25 0.65
CA ARG B 25 2.75 -4.15 -0.23
C ARG B 25 1.99 -2.78 -0.10
N SER B 26 2.18 -2.08 1.03
CA SER B 26 1.37 -0.93 1.39
C SER B 26 2.06 0.12 2.23
N GLY B 27 1.46 1.31 2.27
CA GLY B 27 1.99 2.43 3.02
C GLY B 27 3.10 3.16 2.30
N LEU B 28 3.69 4.13 2.98
CA LEU B 28 4.64 5.04 2.35
C LEU B 28 5.95 4.31 1.91
N SER B 29 6.23 3.19 2.55
CA SER B 29 7.40 2.36 2.24
C SER B 29 7.04 1.19 1.29
N ALA B 30 5.88 1.24 0.59
CA ALA B 30 5.57 0.17 -0.37
C ALA B 30 6.66 0.03 -1.45
N GLY B 31 6.90 -1.20 -1.89
CA GLY B 31 7.98 -1.44 -2.84
C GLY B 31 9.31 -1.76 -2.12
N HIS B 32 9.53 -1.24 -0.91
CA HIS B 32 10.75 -1.55 -0.17
C HIS B 32 10.83 -3.07 0.10
N ARG B 33 12.04 -3.62 0.07
CA ARG B 33 12.23 -5.05 0.22
C ARG B 33 12.93 -5.21 1.54
N ASP B 34 12.26 -5.86 2.47
CA ASP B 34 12.89 -6.30 3.73
C ASP B 34 13.65 -7.57 3.44
N VAL B 35 14.74 -7.73 4.13
CA VAL B 35 15.64 -8.87 4.03
C VAL B 35 15.70 -9.56 5.42
N PHE B 36 15.46 -10.87 5.40
CA PHE B 36 15.58 -11.77 6.53
C PHE B 36 16.49 -12.93 6.21
N TYR B 37 16.98 -13.55 7.27
CA TYR B 37 17.71 -14.79 7.20
C TYR B 37 17.10 -15.81 8.17
N TYR B 38 17.15 -17.07 7.74
CA TYR B 38 16.66 -18.16 8.50
C TYR B 38 17.82 -19.14 8.83
N SER B 39 17.97 -19.47 10.12
CA SER B 39 18.93 -20.53 10.55
C SER B 39 18.43 -21.90 10.07
N PRO B 40 19.28 -22.94 10.12
CA PRO B 40 18.79 -24.29 9.78
C PRO B 40 17.60 -24.77 10.67
N SER B 41 17.57 -24.30 11.92
CA SER B 41 16.45 -24.56 12.85
C SER B 41 15.18 -23.72 12.56
N GLY B 42 15.20 -22.88 11.53
CA GLY B 42 14.06 -21.99 11.22
C GLY B 42 13.97 -20.68 12.01
N LYS B 43 14.96 -20.37 12.86
CA LYS B 43 14.97 -19.05 13.55
C LYS B 43 15.15 -17.87 12.58
N LYS B 44 14.32 -16.81 12.74
CA LYS B 44 14.27 -15.71 11.80
C LYS B 44 15.05 -14.50 12.29
N PHE B 45 15.92 -13.99 11.43
CA PHE B 45 16.74 -12.83 11.74
C PHE B 45 16.44 -11.66 10.85
N ARG B 46 16.38 -10.46 11.42
CA ARG B 46 16.05 -9.26 10.62
C ARG B 46 17.09 -8.14 10.70
N SER B 47 18.24 -8.40 11.35
CA SER B 47 19.31 -7.42 11.33
C SER B 47 20.69 -8.09 11.49
N LYS B 48 21.75 -7.39 11.06
CA LYS B 48 23.07 -7.96 11.15
C LYS B 48 23.56 -8.16 12.61
N PRO B 49 23.34 -7.18 13.52
CA PRO B 49 23.76 -7.40 14.92
C PRO B 49 23.10 -8.66 15.55
N GLN B 50 21.86 -8.89 15.21
CA GLN B 50 21.12 -10.10 15.62
C GLN B 50 21.79 -11.33 15.05
N LEU B 51 22.08 -11.29 13.75
CA LEU B 51 22.74 -12.43 13.08
C LEU B 51 24.12 -12.73 13.66
N ALA B 52 24.90 -11.67 13.92
CA ALA B 52 26.25 -11.79 14.42
C ALA B 52 26.31 -12.40 15.84
N ARG B 53 25.25 -12.22 16.62
CA ARG B 53 25.16 -12.92 17.92
C ARG B 53 25.18 -14.45 17.76
N TYR B 54 24.60 -14.97 16.67
CA TYR B 54 24.62 -16.43 16.39
C TYR B 54 25.87 -16.91 15.66
N LEU B 55 26.29 -16.14 14.66
CA LEU B 55 27.34 -16.60 13.73
C LEU B 55 28.69 -15.98 13.87
N GLY B 56 28.80 -14.83 14.55
CA GLY B 56 30.05 -14.08 14.65
C GLY B 56 31.19 -14.78 15.36
N GLY B 57 30.86 -15.62 16.34
CA GLY B 57 31.88 -16.52 16.97
C GLY B 57 32.27 -17.60 15.97
N SER B 58 31.26 -18.12 15.28
CA SER B 58 31.34 -19.28 14.36
C SER B 58 31.95 -18.98 12.97
N MET B 59 31.78 -17.75 12.45
CA MET B 59 32.41 -17.29 11.20
C MET B 59 32.65 -15.77 11.25
N ASP B 60 33.45 -15.29 10.31
CA ASP B 60 33.77 -13.87 10.19
C ASP B 60 32.64 -13.15 9.40
N LEU B 61 31.90 -12.26 10.05
CA LEU B 61 30.84 -11.42 9.39
C LEU B 61 31.21 -9.94 9.27
N SER B 62 32.49 -9.60 9.50
CA SER B 62 32.91 -8.20 9.43
C SER B 62 32.64 -7.54 8.06
N THR B 63 32.70 -8.31 6.97
CA THR B 63 32.44 -7.78 5.62
C THR B 63 31.20 -8.37 4.96
N PHE B 64 30.30 -8.98 5.74
CA PHE B 64 29.07 -9.53 5.21
C PHE B 64 28.10 -8.37 5.05
N ASP B 65 27.54 -8.23 3.85
CA ASP B 65 26.56 -7.17 3.54
C ASP B 65 25.21 -7.77 3.71
N PHE B 66 24.56 -7.42 4.84
CA PHE B 66 23.33 -8.03 5.24
C PHE B 66 22.24 -7.79 4.17
N ARG B 67 22.21 -6.62 3.61
CA ARG B 67 21.14 -6.32 2.60
C ARG B 67 21.27 -7.24 1.32
N THR B 68 22.50 -7.39 0.79
CA THR B 68 22.71 -8.21 -0.46
C THR B 68 22.97 -9.67 -0.19
N GLY B 69 23.42 -9.99 1.02
CA GLY B 69 23.69 -11.36 1.38
C GLY B 69 25.01 -11.93 0.87
N LYS B 70 25.97 -11.07 0.60
CA LYS B 70 27.29 -11.51 0.10
C LYS B 70 28.38 -10.78 0.82
N MET B 71 29.59 -11.37 0.78
CA MET B 71 30.74 -10.77 1.38
C MET B 71 31.21 -9.71 0.42
N LEU B 72 31.50 -8.52 0.94
CA LEU B 72 32.10 -7.46 0.14
C LEU B 72 33.59 -7.77 0.03
N MET B 73 34.04 -8.14 -1.15
CA MET B 73 35.47 -8.38 -1.40
C MET B 73 35.78 -7.80 -2.79
N1 5CM C 6 -4.31 3.63 -8.57
C2 5CM C 6 -4.14 4.38 -9.75
N3 5CM C 6 -5.13 5.19 -10.24
C4 5CM C 6 -6.32 5.29 -9.60
C5 5CM C 6 -6.53 4.49 -8.37
C5A 5CM C 6 -7.82 4.52 -7.58
C6 5CM C 6 -5.49 3.70 -7.89
O2 5CM C 6 -3.08 4.35 -10.39
N4 5CM C 6 -7.28 6.10 -10.11
C1' 5CM C 6 -3.25 2.75 -7.98
C2' 5CM C 6 -2.78 3.29 -6.65
C3' 5CM C 6 -2.09 2.12 -6.02
C4' 5CM C 6 -2.68 0.91 -6.76
O4' 5CM C 6 -3.68 1.46 -7.62
O3' 5CM C 6 -0.71 2.14 -6.33
C5' 5CM C 6 -3.30 -0.12 -5.85
O5' 5CM C 6 -4.48 0.51 -5.31
P 5CM C 6 -5.69 -0.43 -4.84
OP1 5CM C 6 -5.09 -1.48 -3.93
OP2 5CM C 6 -6.75 0.55 -4.41
N1 5CM D 6 -7.17 12.02 -12.96
C2 5CM D 6 -6.05 11.38 -12.34
N3 5CM D 6 -6.19 10.71 -11.18
C4 5CM D 6 -7.40 10.62 -10.58
C5 5CM D 6 -8.56 11.31 -11.22
C5A 5CM D 6 -9.94 11.25 -10.62
C6 5CM D 6 -8.38 11.96 -12.41
O2 5CM D 6 -4.94 11.43 -12.88
N4 5CM D 6 -7.57 9.96 -9.45
C1' 5CM D 6 -6.97 12.70 -14.25
C2' 5CM D 6 -7.95 12.30 -15.37
C3' 5CM D 6 -7.56 13.32 -16.39
C4' 5CM D 6 -7.10 14.52 -15.56
O4' 5CM D 6 -7.03 14.09 -14.16
O3' 5CM D 6 -6.48 12.66 -17.01
C5' 5CM D 6 -8.03 15.72 -15.61
O5' 5CM D 6 -9.33 15.26 -15.33
P 5CM D 6 -10.47 16.32 -15.02
OP1 5CM D 6 -10.59 17.10 -16.28
OP2 5CM D 6 -11.61 15.60 -14.41
N1 5CM E 6 5.85 -1.73 8.84
C2 5CM E 6 6.39 -1.52 10.10
N3 5CM E 6 7.42 -2.25 10.58
C4 5CM E 6 7.98 -3.22 9.84
C5 5CM E 6 7.42 -3.50 8.52
C5A 5CM E 6 7.97 -4.56 7.61
C6 5CM E 6 6.36 -2.71 8.07
O2 5CM E 6 5.94 -0.64 10.84
N4 5CM E 6 9.03 -3.94 10.37
C1' 5CM E 6 4.72 -0.92 8.30
C2' 5CM E 6 5.12 -0.22 7.03
C3' 5CM E 6 3.84 0.06 6.30
C4' 5CM E 6 2.89 -1.02 6.88
O4' 5CM E 6 3.68 -1.74 7.86
O3' 5CM E 6 3.29 1.37 6.64
C5' 5CM E 6 2.34 -2.00 5.87
O5' 5CM E 6 3.47 -2.74 5.29
P 5CM E 6 3.09 -4.05 4.41
OP1 5CM E 6 2.01 -3.62 3.44
OP2 5CM E 6 4.32 -4.69 3.88
N1 5CM F 6 14.17 -2.10 14.13
C2 5CM F 6 13.21 -1.20 13.53
N3 5CM F 6 12.78 -1.41 12.23
C4 5CM F 6 13.23 -2.47 11.52
C5 5CM F 6 14.24 -3.40 12.14
C5A 5CM F 6 14.77 -4.57 11.40
C6 5CM F 6 14.64 -3.16 13.44
O2 5CM F 6 12.74 -0.22 14.15
N4 5CM F 6 12.81 -2.68 10.30
C1' 5CM F 6 14.58 -1.86 15.53
C2' 5CM F 6 14.63 -3.10 16.49
C3' 5CM F 6 15.28 -2.45 17.67
C4' 5CM F 6 16.24 -1.46 17.04
O4' 5CM F 6 15.85 -1.24 15.65
O3' 5CM F 6 14.24 -1.70 18.25
C5' 5CM F 6 17.69 -1.88 17.07
O5' 5CM F 6 17.79 -3.20 16.58
P 5CM F 6 19.23 -3.86 16.37
OP1 5CM F 6 19.88 -3.84 17.73
OP2 5CM F 6 19.05 -5.17 15.63
UNK UNX G . -17.83 11.48 -18.65
UNK UNX H . -22.20 8.35 0.82
UNK UNX I . -12.99 16.55 -8.06
UNK UNX J . 17.17 -12.86 18.46
UNK UNX K . 19.96 -12.32 18.64
UNK UNX L . 16.59 -15.18 -2.07
UNK UNX M . 21.09 -5.02 9.53
UNK UNX N . -3.79 -0.49 -10.68
UNK UNX O . -2.63 10.21 -4.94
UNK UNX P . 11.57 2.40 6.38
UNK UNX Q . 0.42 -7.27 23.45
UNK UNX R . 18.09 -3.45 6.96
#